data_3E62
#
_entry.id   3E62
#
_cell.length_a   93.302
_cell.length_b   102.297
_cell.length_c   68.386
_cell.angle_alpha   90.000
_cell.angle_beta   90.000
_cell.angle_gamma   90.000
#
_symmetry.space_group_name_H-M   'C 2 2 21'
#
loop_
_entity.id
_entity.type
_entity.pdbx_description
1 polymer 'Tyrosine-protein kinase JAK2'
2 non-polymer 5-bromo-1H-indazol-3-amine
3 water water
#
_entity_poly.entity_id   1
_entity_poly.type   'polypeptide(L)'
_entity_poly.pdbx_seq_one_letter_code
;RDPTQFEERHLKFLQQLGKGNFGSVEMCRYDPLQDNTGEVVAVKKLQHSTEEHLRDFEREIEILKSLQHDNIVKYKGVCY
SAGRRNLKLIMEYLPYGSLRDYLQKHKERIDHIKLLQYTSQICKGMEYLGTKRYIHRDLATRNILVENENRVKIGDFGLT
KVLPQDKE(PTR)(PTR)KVKEPGESPIFWYAPESLTESKFSVASDVWSFGVVLYELFTYIEKSKSPPAEFMRMIGNDKQ
GQMIVFHLIELLKNNGRLPRPDGCPDEIYMIMTECWNNNVNQRPSFRDLALRVDQIRDNMA
;
_entity_poly.pdbx_strand_id   A
#
loop_
_chem_comp.id
_chem_comp.type
_chem_comp.name
_chem_comp.formula
5B1 non-polymer 5-bromo-1H-indazol-3-amine 'C7 H6 Br N3'
#
# COMPACT_ATOMS: atom_id res chain seq x y z
N ARG A 1 -0.16 13.69 -31.42
CA ARG A 1 -0.14 14.08 -29.98
C ARG A 1 0.11 12.88 -29.07
N ASP A 2 0.86 13.12 -27.98
CA ASP A 2 1.17 12.08 -27.01
C ASP A 2 0.11 12.04 -25.90
N PRO A 3 -0.58 10.89 -25.77
CA PRO A 3 -1.57 10.67 -24.70
C PRO A 3 -0.97 10.67 -23.29
N THR A 4 0.32 10.33 -23.16
CA THR A 4 1.01 10.35 -21.86
C THR A 4 1.58 11.73 -21.51
N GLN A 5 1.42 12.68 -22.42
CA GLN A 5 1.81 14.07 -22.17
C GLN A 5 0.55 14.90 -21.95
N PHE A 6 0.30 15.28 -20.69
CA PHE A 6 -0.88 16.04 -20.31
C PHE A 6 -0.50 17.49 -20.03
N GLU A 7 -1.22 18.43 -20.65
CA GLU A 7 -1.03 19.85 -20.38
C GLU A 7 -1.81 20.25 -19.14
N GLU A 8 -1.10 20.78 -18.14
CA GLU A 8 -1.71 21.09 -16.84
C GLU A 8 -2.85 22.10 -16.94
N ARG A 9 -2.77 22.99 -17.92
CA ARG A 9 -3.79 24.01 -18.16
C ARG A 9 -5.17 23.40 -18.42
N HIS A 10 -5.19 22.21 -19.03
CA HIS A 10 -6.43 21.51 -19.36
C HIS A 10 -7.02 20.64 -18.23
N LEU A 11 -6.28 20.51 -17.13
CA LEU A 11 -6.74 19.72 -15.99
C LEU A 11 -7.66 20.54 -15.07
N LYS A 12 -8.91 20.11 -14.96
CA LYS A 12 -9.88 20.76 -14.09
C LYS A 12 -10.02 20.01 -12.77
N PHE A 13 -9.83 20.71 -11.64
CA PHE A 13 -10.00 20.13 -10.32
C PHE A 13 -11.46 19.72 -10.08
N LEU A 14 -11.67 18.53 -9.54
CA LEU A 14 -13.01 18.05 -9.20
C LEU A 14 -13.15 17.79 -7.71
N GLN A 15 -12.25 16.98 -7.15
CA GLN A 15 -12.21 16.73 -5.71
C GLN A 15 -10.86 16.20 -5.25
N GLN A 16 -10.65 16.22 -3.93
CA GLN A 16 -9.44 15.67 -3.33
C GLN A 16 -9.65 14.17 -3.08
N LEU A 17 -8.61 13.37 -3.30
CA LEU A 17 -8.73 11.92 -3.15
C LEU A 17 -7.93 11.35 -1.98
N GLY A 18 -6.85 12.01 -1.60
CA GLY A 18 -6.02 11.57 -0.48
C GLY A 18 -4.70 12.29 -0.30
N LYS A 19 -4.16 12.20 0.90
CA LYS A 19 -2.84 12.75 1.22
C LYS A 19 -2.02 11.74 2.03
N GLY A 20 -0.91 11.29 1.46
CA GLY A 20 -0.04 10.33 2.11
C GLY A 20 1.42 10.72 1.99
N ASN A 21 2.10 10.78 3.13
CA ASN A 21 3.52 11.15 3.23
C ASN A 21 3.88 12.53 2.64
N PHE A 22 4.25 12.55 1.36
CA PHE A 22 4.71 13.78 0.71
C PHE A 22 3.76 14.27 -0.39
N GLY A 23 3.08 13.35 -1.06
CA GLY A 23 2.19 13.67 -2.17
C GLY A 23 0.72 13.81 -1.81
N SER A 24 0.00 14.58 -2.62
CA SER A 24 -1.45 14.70 -2.53
C SER A 24 -2.06 14.23 -3.85
N VAL A 25 -3.23 13.59 -3.78
CA VAL A 25 -3.91 13.11 -4.99
C VAL A 25 -5.26 13.79 -5.18
N GLU A 26 -5.50 14.27 -6.41
CA GLU A 26 -6.75 14.90 -6.76
C GLU A 26 -7.43 14.23 -7.95
N MET A 27 -8.75 14.20 -7.91
CA MET A 27 -9.56 13.81 -9.06
C MET A 27 -9.71 15.03 -9.96
N CYS A 28 -9.31 14.87 -11.21
CA CYS A 28 -9.33 15.95 -12.19
C CYS A 28 -9.92 15.48 -13.51
N ARG A 29 -10.55 16.40 -14.24
CA ARG A 29 -10.96 16.08 -15.60
C ARG A 29 -9.97 16.69 -16.57
N TYR A 30 -9.44 15.85 -17.45
CA TYR A 30 -8.57 16.33 -18.50
C TYR A 30 -9.45 16.75 -19.66
N ASP A 31 -9.66 18.06 -19.77
CA ASP A 31 -10.70 18.59 -20.64
C ASP A 31 -10.14 19.63 -21.62
N PRO A 32 -9.40 19.17 -22.65
CA PRO A 32 -8.77 20.08 -23.61
C PRO A 32 -9.75 20.84 -24.50
N LEU A 33 -10.94 20.28 -24.72
CA LEU A 33 -11.98 20.94 -25.51
C LEU A 33 -12.76 21.96 -24.68
N GLN A 34 -12.57 21.90 -23.35
CA GLN A 34 -13.25 22.78 -22.39
C GLN A 34 -14.78 22.76 -22.57
N ASP A 35 -15.37 21.60 -22.31
CA ASP A 35 -16.82 21.39 -22.41
C ASP A 35 -17.28 20.28 -21.46
N ASN A 36 -16.42 19.97 -20.48
CA ASN A 36 -16.67 18.97 -19.44
C ASN A 36 -16.87 17.53 -19.91
N THR A 37 -16.39 17.20 -21.11
CA THR A 37 -16.58 15.84 -21.65
C THR A 37 -15.31 14.98 -21.62
N GLY A 38 -14.19 15.55 -21.14
CA GLY A 38 -12.90 14.84 -21.12
C GLY A 38 -12.82 13.75 -20.06
N GLU A 39 -11.75 12.96 -20.11
CA GLU A 39 -11.56 11.85 -19.17
C GLU A 39 -11.24 12.31 -17.76
N VAL A 40 -11.87 11.67 -16.79
CA VAL A 40 -11.55 11.88 -15.39
C VAL A 40 -10.35 11.00 -15.03
N VAL A 41 -9.31 11.61 -14.45
CA VAL A 41 -8.07 10.93 -14.06
C VAL A 41 -7.73 11.28 -12.61
N ALA A 42 -6.87 10.47 -11.99
CA ALA A 42 -6.29 10.81 -10.69
C ALA A 42 -4.95 11.44 -10.93
N VAL A 43 -4.67 12.54 -10.21
CA VAL A 43 -3.43 13.31 -10.37
C VAL A 43 -2.68 13.42 -9.04
N LYS A 44 -1.48 12.84 -8.99
CA LYS A 44 -0.64 12.97 -7.80
C LYS A 44 0.40 14.08 -7.96
N LYS A 45 0.46 14.97 -6.97
CA LYS A 45 1.47 16.02 -6.94
C LYS A 45 2.13 16.09 -5.58
N LEU A 46 3.23 16.83 -5.49
CA LEU A 46 3.93 17.04 -4.22
C LEU A 46 3.43 18.27 -3.49
N GLN A 47 3.24 18.16 -2.17
CA GLN A 47 2.88 19.33 -1.35
C GLN A 47 4.06 20.30 -1.22
N HIS A 48 5.23 19.73 -1.00
CA HIS A 48 6.49 20.49 -0.94
C HIS A 48 7.45 19.93 -1.99
N SER A 49 7.46 20.60 -3.13
CA SER A 49 8.24 20.13 -4.28
C SER A 49 9.67 20.67 -4.21
N THR A 50 10.42 20.23 -3.20
CA THR A 50 11.84 20.54 -3.07
C THR A 50 12.68 19.71 -4.04
N GLU A 51 13.95 20.09 -4.19
CA GLU A 51 14.94 19.34 -4.98
C GLU A 51 14.89 17.84 -4.71
N GLU A 52 15.07 17.48 -3.43
CA GLU A 52 15.17 16.09 -3.01
C GLU A 52 13.87 15.32 -3.21
N HIS A 53 12.74 15.94 -2.85
CA HIS A 53 11.41 15.34 -3.05
C HIS A 53 11.09 15.10 -4.52
N LEU A 54 11.40 16.08 -5.36
CA LEU A 54 11.24 15.95 -6.80
C LEU A 54 12.04 14.78 -7.37
N ARG A 55 13.27 14.61 -6.88
CA ARG A 55 14.11 13.51 -7.33
C ARG A 55 13.48 12.15 -6.98
N ASP A 56 13.03 12.03 -5.73
CA ASP A 56 12.36 10.81 -5.28
C ASP A 56 11.05 10.59 -6.03
N PHE A 57 10.29 11.66 -6.25
CA PHE A 57 9.01 11.57 -6.97
C PHE A 57 9.22 11.07 -8.42
N GLU A 58 10.27 11.56 -9.07
CA GLU A 58 10.58 11.09 -10.42
C GLU A 58 10.92 9.60 -10.47
N ARG A 59 11.60 9.10 -9.44
CA ARG A 59 11.88 7.63 -9.35
C ARG A 59 10.59 6.84 -9.12
N GLU A 60 9.68 7.41 -8.34
CA GLU A 60 8.37 6.78 -8.08
C GLU A 60 7.58 6.64 -9.37
N ILE A 61 7.60 7.70 -10.17
CA ILE A 61 6.93 7.73 -11.46
C ILE A 61 7.49 6.65 -12.42
N GLU A 62 8.81 6.52 -12.46
CA GLU A 62 9.46 5.49 -13.28
C GLU A 62 9.11 4.10 -12.77
N ILE A 63 9.02 3.94 -11.45
CA ILE A 63 8.56 2.67 -10.88
C ILE A 63 7.16 2.32 -11.38
N LEU A 64 6.21 3.24 -11.21
CA LEU A 64 4.83 2.96 -11.61
C LEU A 64 4.74 2.70 -13.11
N LYS A 65 5.43 3.53 -13.90
CA LYS A 65 5.43 3.38 -15.36
C LYS A 65 5.92 1.99 -15.82
N SER A 66 6.85 1.40 -15.07
CA SER A 66 7.41 0.09 -15.40
C SER A 66 6.50 -1.10 -15.02
N LEU A 67 5.41 -0.81 -14.30
CA LEU A 67 4.54 -1.89 -13.81
C LEU A 67 3.27 -2.00 -14.64
N GLN A 68 3.02 -3.19 -15.17
CA GLN A 68 1.79 -3.48 -15.92
C GLN A 68 1.17 -4.78 -15.38
N HIS A 69 0.16 -4.63 -14.52
CA HIS A 69 -0.48 -5.80 -13.88
C HIS A 69 -1.92 -5.46 -13.54
N ASP A 70 -2.80 -6.45 -13.63
CA ASP A 70 -4.23 -6.24 -13.36
C ASP A 70 -4.50 -5.65 -11.98
N ASN A 71 -3.60 -5.89 -11.04
CA ASN A 71 -3.81 -5.44 -9.65
C ASN A 71 -2.83 -4.35 -9.20
N ILE A 72 -2.37 -3.56 -10.17
CA ILE A 72 -1.55 -2.38 -9.91
C ILE A 72 -2.16 -1.23 -10.71
N VAL A 73 -2.43 -0.11 -10.03
CA VAL A 73 -3.03 1.08 -10.68
C VAL A 73 -2.25 1.47 -11.94
N LYS A 74 -2.98 1.81 -13.00
CA LYS A 74 -2.38 2.12 -14.30
C LYS A 74 -1.81 3.53 -14.37
N TYR A 75 -0.54 3.62 -14.75
CA TYR A 75 0.12 4.86 -15.12
C TYR A 75 -0.53 5.38 -16.41
N LYS A 76 -0.80 6.68 -16.47
CA LYS A 76 -1.32 7.28 -17.69
C LYS A 76 -0.36 8.30 -18.30
N GLY A 77 0.39 9.02 -17.47
CA GLY A 77 1.34 10.00 -17.99
C GLY A 77 1.85 10.94 -16.93
N VAL A 78 2.47 12.04 -17.38
CA VAL A 78 3.10 13.03 -16.49
C VAL A 78 2.79 14.44 -16.97
N CYS A 79 2.67 15.38 -16.04
CA CYS A 79 2.67 16.81 -16.33
C CYS A 79 4.00 17.40 -15.95
N TYR A 80 4.55 18.24 -16.82
CA TYR A 80 5.74 19.02 -16.50
C TYR A 80 5.40 20.51 -16.46
N SER A 81 5.85 21.21 -15.43
CA SER A 81 5.71 22.68 -15.38
C SER A 81 6.91 23.36 -16.01
N ALA A 82 6.68 24.50 -16.66
CA ALA A 82 7.74 25.34 -17.20
C ALA A 82 8.63 25.90 -16.09
N GLY A 83 9.93 26.01 -16.35
CA GLY A 83 10.88 26.59 -15.40
C GLY A 83 11.48 25.60 -14.41
N ARG A 84 10.94 25.57 -13.19
CA ARG A 84 11.49 24.76 -12.10
C ARG A 84 11.16 23.26 -12.20
N ARG A 85 10.36 22.90 -13.20
CA ARG A 85 10.12 21.51 -13.57
C ARG A 85 9.40 20.70 -12.48
N ASN A 86 8.31 21.25 -11.96
CA ASN A 86 7.43 20.53 -11.05
C ASN A 86 6.74 19.40 -11.84
N LEU A 87 6.47 18.29 -11.17
CA LEU A 87 5.90 17.09 -11.82
C LEU A 87 4.55 16.71 -11.25
N LYS A 88 3.66 16.26 -12.13
CA LYS A 88 2.41 15.62 -11.68
C LYS A 88 2.34 14.25 -12.31
N LEU A 89 1.93 13.28 -11.51
CA LEU A 89 1.73 11.93 -12.00
C LEU A 89 0.25 11.69 -12.32
N ILE A 90 -0.03 11.32 -13.57
CA ILE A 90 -1.39 11.05 -14.02
C ILE A 90 -1.64 9.54 -14.03
N MET A 91 -2.72 9.13 -13.36
CA MET A 91 -3.10 7.73 -13.21
C MET A 91 -4.56 7.55 -13.52
N GLU A 92 -4.95 6.31 -13.81
CA GLU A 92 -6.39 6.00 -13.97
C GLU A 92 -7.12 6.32 -12.67
N TYR A 93 -8.36 6.75 -12.80
CA TYR A 93 -9.21 7.01 -11.63
C TYR A 93 -10.01 5.76 -11.31
N LEU A 94 -9.88 5.27 -10.09
CA LEU A 94 -10.62 4.09 -9.64
C LEU A 94 -11.73 4.59 -8.72
N PRO A 95 -12.98 4.50 -9.20
CA PRO A 95 -14.11 5.24 -8.62
C PRO A 95 -14.63 4.82 -7.25
N TYR A 96 -14.35 3.60 -6.82
CA TYR A 96 -14.86 3.14 -5.53
C TYR A 96 -13.93 3.53 -4.35
N GLY A 97 -12.81 4.18 -4.66
CA GLY A 97 -11.92 4.76 -3.64
C GLY A 97 -11.02 3.74 -2.94
N SER A 98 -10.52 4.09 -1.76
CA SER A 98 -9.58 3.20 -1.07
C SER A 98 -10.30 2.01 -0.47
N LEU A 99 -9.61 0.89 -0.42
CA LEU A 99 -10.16 -0.31 0.19
C LEU A 99 -10.48 -0.08 1.67
N ARG A 100 -9.66 0.73 2.34
CA ARG A 100 -9.87 1.03 3.76
C ARG A 100 -11.26 1.69 3.98
N ASP A 101 -11.54 2.75 3.21
CA ASP A 101 -12.86 3.43 3.31
C ASP A 101 -14.00 2.53 2.85
N TYR A 102 -13.75 1.79 1.77
CA TYR A 102 -14.76 0.90 1.19
C TYR A 102 -15.23 -0.15 2.19
N LEU A 103 -14.27 -0.81 2.85
CA LEU A 103 -14.57 -1.82 3.85
C LEU A 103 -15.18 -1.22 5.11
N GLN A 104 -14.63 -0.09 5.56
CA GLN A 104 -15.16 0.62 6.72
C GLN A 104 -16.61 1.02 6.47
N LYS A 105 -16.93 1.30 5.21
CA LYS A 105 -18.28 1.72 4.81
C LYS A 105 -19.27 0.55 4.80
N HIS A 106 -18.93 -0.52 4.07
CA HIS A 106 -19.84 -1.67 3.91
C HIS A 106 -19.70 -2.77 4.96
N LYS A 107 -18.60 -2.78 5.70
CA LYS A 107 -18.33 -3.76 6.78
C LYS A 107 -18.66 -5.19 6.36
N GLU A 108 -19.40 -5.91 7.19
CA GLU A 108 -19.65 -7.34 6.98
C GLU A 108 -20.56 -7.66 5.79
N ARG A 109 -21.08 -6.62 5.13
CA ARG A 109 -21.83 -6.79 3.87
C ARG A 109 -20.90 -7.28 2.75
N ILE A 110 -19.60 -7.11 2.99
CA ILE A 110 -18.56 -7.77 2.21
C ILE A 110 -18.23 -9.08 2.91
N ASP A 111 -18.56 -10.21 2.28
CA ASP A 111 -18.37 -11.50 2.95
C ASP A 111 -16.93 -12.01 2.81
N HIS A 112 -16.65 -13.12 3.47
CA HIS A 112 -15.32 -13.74 3.47
C HIS A 112 -14.82 -14.13 2.08
N ILE A 113 -15.73 -14.59 1.23
CA ILE A 113 -15.42 -14.93 -0.16
C ILE A 113 -14.85 -13.71 -0.90
N LYS A 114 -15.50 -12.58 -0.72
CA LYS A 114 -15.07 -11.33 -1.30
C LYS A 114 -13.73 -10.86 -0.70
N LEU A 115 -13.60 -10.94 0.62
CA LEU A 115 -12.34 -10.55 1.28
C LEU A 115 -11.15 -11.36 0.77
N LEU A 116 -11.37 -12.65 0.53
CA LEU A 116 -10.31 -13.53 0.01
C LEU A 116 -10.02 -13.27 -1.47
N GLN A 117 -11.03 -12.82 -2.21
CA GLN A 117 -10.78 -12.39 -3.59
C GLN A 117 -9.83 -11.20 -3.59
N TYR A 118 -10.10 -10.22 -2.72
CA TYR A 118 -9.21 -9.06 -2.57
C TYR A 118 -7.81 -9.46 -2.12
N THR A 119 -7.76 -10.40 -1.17
CA THR A 119 -6.48 -10.91 -0.63
C THR A 119 -5.61 -11.50 -1.73
N SER A 120 -6.24 -12.30 -2.59
CA SER A 120 -5.53 -12.97 -3.68
C SER A 120 -5.00 -11.93 -4.65
N GLN A 121 -5.82 -10.93 -4.95
CA GLN A 121 -5.46 -9.88 -5.87
C GLN A 121 -4.30 -9.05 -5.34
N ILE A 122 -4.36 -8.70 -4.06
CA ILE A 122 -3.25 -7.98 -3.42
C ILE A 122 -1.98 -8.82 -3.44
N CYS A 123 -2.10 -10.10 -3.13
CA CYS A 123 -0.98 -11.03 -3.21
C CYS A 123 -0.34 -11.08 -4.60
N LYS A 124 -1.18 -11.11 -5.62
CA LYS A 124 -0.66 -11.20 -6.98
C LYS A 124 0.03 -9.92 -7.44
N GLY A 125 -0.51 -8.77 -7.06
CA GLY A 125 0.15 -7.48 -7.33
C GLY A 125 1.52 -7.42 -6.67
N MET A 126 1.61 -7.89 -5.43
CA MET A 126 2.89 -7.91 -4.68
C MET A 126 3.90 -8.89 -5.24
N GLU A 127 3.42 -10.07 -5.66
CA GLU A 127 4.30 -11.06 -6.29
C GLU A 127 4.90 -10.51 -7.58
N TYR A 128 4.07 -9.89 -8.41
CA TYR A 128 4.56 -9.25 -9.62
C TYR A 128 5.61 -8.16 -9.30
N LEU A 129 5.31 -7.31 -8.31
CA LEU A 129 6.22 -6.25 -7.89
C LEU A 129 7.58 -6.82 -7.54
N GLY A 130 7.55 -7.95 -6.83
CA GLY A 130 8.77 -8.61 -6.37
C GLY A 130 9.64 -9.13 -7.49
N THR A 131 9.01 -9.56 -8.60
CA THR A 131 9.73 -10.01 -9.80
C THR A 131 10.57 -8.89 -10.44
N LYS A 132 10.19 -7.64 -10.18
CA LYS A 132 10.95 -6.48 -10.65
C LYS A 132 11.96 -6.00 -9.60
N ARG A 133 12.03 -6.72 -8.48
CA ARG A 133 12.94 -6.39 -7.39
C ARG A 133 12.62 -5.05 -6.72
N TYR A 134 11.32 -4.73 -6.68
CA TYR A 134 10.83 -3.57 -5.97
C TYR A 134 10.31 -3.97 -4.60
N ILE A 135 10.56 -3.11 -3.61
CA ILE A 135 10.08 -3.31 -2.23
C ILE A 135 9.08 -2.20 -1.93
N HIS A 136 7.82 -2.56 -1.67
CA HIS A 136 6.75 -1.56 -1.50
C HIS A 136 6.91 -0.67 -0.26
N ARG A 137 7.16 -1.31 0.89
CA ARG A 137 7.44 -0.65 2.18
C ARG A 137 6.24 0.04 2.85
N ASP A 138 5.10 0.06 2.18
CA ASP A 138 3.91 0.79 2.69
C ASP A 138 2.61 0.04 2.35
N LEU A 139 2.65 -1.29 2.41
CA LEU A 139 1.48 -2.10 2.11
C LEU A 139 0.47 -1.99 3.26
N ALA A 140 -0.69 -1.42 2.98
CA ALA A 140 -1.76 -1.19 3.96
C ALA A 140 -3.06 -0.96 3.20
N THR A 141 -4.21 -1.23 3.81
CA THR A 141 -5.47 -1.07 3.07
C THR A 141 -5.69 0.37 2.59
N ARG A 142 -5.09 1.35 3.26
CA ARG A 142 -5.21 2.74 2.80
C ARG A 142 -4.51 3.01 1.46
N ASN A 143 -3.60 2.12 1.06
CA ASN A 143 -2.88 2.26 -0.23
C ASN A 143 -3.35 1.30 -1.32
N ILE A 144 -4.49 0.66 -1.07
CA ILE A 144 -5.11 -0.25 -2.02
C ILE A 144 -6.41 0.43 -2.49
N LEU A 145 -6.73 0.34 -3.78
CA LEU A 145 -7.88 1.03 -4.35
C LEU A 145 -8.88 0.03 -4.90
N VAL A 146 -10.15 0.44 -4.93
CA VAL A 146 -11.20 -0.45 -5.41
C VAL A 146 -11.65 0.06 -6.77
N GLU A 147 -11.47 -0.78 -7.79
CA GLU A 147 -11.93 -0.45 -9.15
C GLU A 147 -13.44 -0.67 -9.26
N ASN A 148 -13.88 -1.84 -8.81
CA ASN A 148 -15.28 -2.25 -8.78
C ASN A 148 -15.40 -3.35 -7.73
N GLU A 149 -16.62 -3.85 -7.51
CA GLU A 149 -16.88 -4.92 -6.55
C GLU A 149 -15.94 -6.13 -6.65
N ASN A 150 -15.41 -6.39 -7.86
CA ASN A 150 -14.63 -7.60 -8.13
C ASN A 150 -13.12 -7.44 -8.28
N ARG A 151 -12.62 -6.20 -8.18
CA ARG A 151 -11.19 -5.97 -8.40
C ARG A 151 -10.61 -4.81 -7.59
N VAL A 152 -9.50 -5.10 -6.91
CA VAL A 152 -8.70 -4.11 -6.22
C VAL A 152 -7.31 -3.98 -6.85
N LYS A 153 -6.67 -2.84 -6.63
CA LYS A 153 -5.34 -2.60 -7.18
C LYS A 153 -4.49 -1.89 -6.14
N ILE A 154 -3.22 -2.26 -6.08
CA ILE A 154 -2.25 -1.50 -5.26
C ILE A 154 -2.14 -0.11 -5.89
N GLY A 155 -2.27 0.92 -5.08
CA GLY A 155 -2.58 2.25 -5.61
C GLY A 155 -1.57 3.36 -5.38
N ASP A 156 -0.57 3.08 -4.55
CA ASP A 156 0.44 4.09 -4.25
C ASP A 156 1.80 3.44 -4.07
N PHE A 157 2.83 4.13 -4.55
CA PHE A 157 4.21 3.61 -4.55
C PHE A 157 5.19 4.64 -4.03
N GLY A 158 4.72 5.51 -3.15
CA GLY A 158 5.52 6.63 -2.64
C GLY A 158 6.72 6.23 -1.81
N LEU A 159 6.67 5.06 -1.18
CA LEU A 159 7.81 4.57 -0.38
C LEU A 159 8.62 3.45 -1.05
N THR A 160 8.21 3.09 -2.26
CA THR A 160 8.78 1.94 -2.97
C THR A 160 10.26 2.15 -3.32
N LYS A 161 11.06 1.13 -3.03
CA LYS A 161 12.51 1.16 -3.30
C LYS A 161 12.92 0.02 -4.21
N VAL A 162 13.98 0.24 -4.99
CA VAL A 162 14.54 -0.84 -5.80
C VAL A 162 15.73 -1.44 -5.05
N LEU A 163 15.76 -2.76 -4.96
CA LEU A 163 16.86 -3.48 -4.33
C LEU A 163 18.15 -3.24 -5.13
N PRO A 164 19.27 -3.07 -4.42
CA PRO A 164 20.59 -3.08 -5.07
C PRO A 164 20.79 -4.40 -5.81
N GLN A 165 21.61 -4.38 -6.86
CA GLN A 165 21.88 -5.59 -7.67
C GLN A 165 22.30 -6.79 -6.83
N ASP A 166 23.08 -6.54 -5.78
CA ASP A 166 23.76 -7.62 -5.05
C ASP A 166 23.19 -7.93 -3.66
N LYS A 167 22.15 -7.22 -3.26
CA LYS A 167 21.58 -7.37 -1.92
C LYS A 167 20.10 -7.74 -1.99
N GLU A 168 19.61 -8.45 -0.98
CA GLU A 168 18.20 -8.83 -0.94
C GLU A 168 17.40 -7.94 0.03
N PTR A 169 18.05 -6.86 0.50
CA PTR A 169 17.38 -5.85 1.31
C PTR A 169 17.83 -4.46 0.87
O PTR A 169 18.90 -4.29 0.26
CB PTR A 169 17.65 -6.02 2.81
CG PTR A 169 19.12 -5.90 3.17
CD1 PTR A 169 19.96 -7.01 3.12
CD2 PTR A 169 19.65 -4.66 3.51
CE1 PTR A 169 21.31 -6.89 3.42
CE2 PTR A 169 21.00 -4.54 3.82
CZ PTR A 169 21.82 -5.66 3.78
OH PTR A 169 23.03 -5.51 4.04
P PTR A 169 23.75 -6.16 5.33
O1P PTR A 169 25.17 -5.73 5.29
O2P PTR A 169 23.69 -7.70 5.29
O3P PTR A 169 23.09 -5.63 6.62
N PTR A 170 17.02 -3.47 1.21
CA PTR A 170 17.37 -2.07 1.01
C PTR A 170 17.40 -1.45 2.41
O PTR A 170 16.44 -1.61 3.18
CB PTR A 170 16.33 -1.41 0.10
CG PTR A 170 16.60 0.06 -0.17
CD1 PTR A 170 16.29 1.03 0.77
CD2 PTR A 170 17.16 0.47 -1.38
CE1 PTR A 170 16.53 2.37 0.53
CE2 PTR A 170 17.40 1.82 -1.64
CZ PTR A 170 17.09 2.77 -0.66
OH PTR A 170 17.26 3.99 -0.81
P PTR A 170 18.08 4.72 -1.98
O1P PTR A 170 17.35 4.54 -3.26
O2P PTR A 170 19.49 4.11 -2.09
O3P PTR A 170 18.18 6.22 -1.66
N LYS A 171 18.46 -0.74 2.72
CA LYS A 171 18.57 -0.09 4.02
C LYS A 171 18.30 1.41 3.91
N VAL A 172 17.32 1.88 4.69
CA VAL A 172 16.98 3.30 4.72
C VAL A 172 17.84 4.00 5.78
N LYS A 173 18.62 4.99 5.36
CA LYS A 173 19.59 5.63 6.26
C LYS A 173 18.99 6.69 7.18
N GLU A 174 18.12 7.54 6.63
CA GLU A 174 17.44 8.58 7.41
C GLU A 174 15.93 8.44 7.25
N PRO A 175 15.29 7.59 8.07
CA PRO A 175 13.85 7.34 7.93
C PRO A 175 12.99 8.61 8.06
N GLY A 176 12.02 8.73 7.15
CA GLY A 176 10.99 9.77 7.23
C GLY A 176 9.80 9.24 8.01
N GLU A 177 8.61 9.78 7.77
CA GLU A 177 7.40 9.26 8.44
C GLU A 177 7.26 7.77 8.10
N SER A 178 7.20 6.92 9.14
CA SER A 178 7.24 5.47 8.95
C SER A 178 5.96 4.84 9.50
N PRO A 179 5.32 3.94 8.72
CA PRO A 179 4.11 3.27 9.22
C PRO A 179 4.47 2.11 10.15
N ILE A 180 5.01 2.46 11.32
CA ILE A 180 5.68 1.48 12.21
C ILE A 180 4.78 0.32 12.66
N PHE A 181 3.48 0.53 12.70
CA PHE A 181 2.57 -0.56 13.11
C PHE A 181 2.35 -1.62 12.01
N TRP A 182 2.91 -1.38 10.82
CA TRP A 182 2.91 -2.36 9.72
C TRP A 182 4.33 -2.93 9.49
N TYR A 183 5.30 -2.47 10.28
CA TYR A 183 6.71 -2.81 10.06
C TYR A 183 7.16 -4.13 10.70
N ALA A 184 7.94 -4.89 9.93
CA ALA A 184 8.67 -6.07 10.42
C ALA A 184 9.72 -5.63 11.46
N PRO A 185 10.05 -6.52 12.43
CA PRO A 185 11.00 -6.18 13.49
C PRO A 185 12.32 -5.65 12.94
N GLU A 186 12.83 -6.25 11.87
CA GLU A 186 14.13 -5.84 11.32
C GLU A 186 14.07 -4.48 10.63
N SER A 187 12.89 -4.11 10.15
CA SER A 187 12.67 -2.75 9.63
C SER A 187 12.69 -1.73 10.78
N LEU A 188 12.13 -2.08 11.93
CA LEU A 188 12.16 -1.18 13.08
C LEU A 188 13.56 -1.06 13.70
N THR A 189 14.28 -2.17 13.79
CA THR A 189 15.56 -2.18 14.50
C THR A 189 16.73 -1.73 13.63
N GLU A 190 16.71 -2.16 12.37
CA GLU A 190 17.83 -1.96 11.45
C GLU A 190 17.50 -1.19 10.16
N SER A 191 16.26 -0.72 10.03
CA SER A 191 15.76 -0.08 8.77
C SER A 191 16.03 -0.88 7.50
N LYS A 192 15.93 -2.20 7.60
CA LYS A 192 16.12 -3.10 6.47
C LYS A 192 14.78 -3.49 5.89
N PHE A 193 14.63 -3.33 4.59
CA PHE A 193 13.38 -3.62 3.88
C PHE A 193 13.64 -4.62 2.76
N SER A 194 12.78 -5.62 2.66
CA SER A 194 12.99 -6.68 1.72
C SER A 194 11.65 -7.21 1.29
N VAL A 195 11.65 -8.15 0.35
CA VAL A 195 10.41 -8.84 0.02
C VAL A 195 9.78 -9.46 1.30
N ALA A 196 10.62 -10.00 2.18
CA ALA A 196 10.12 -10.61 3.41
C ALA A 196 9.47 -9.61 4.39
N SER A 197 9.94 -8.36 4.44
CA SER A 197 9.25 -7.35 5.27
C SER A 197 7.94 -6.90 4.62
N ASP A 198 7.86 -6.92 3.28
CA ASP A 198 6.58 -6.70 2.60
C ASP A 198 5.59 -7.81 2.96
N VAL A 199 6.09 -9.05 3.06
CA VAL A 199 5.23 -10.19 3.47
C VAL A 199 4.68 -9.97 4.88
N TRP A 200 5.54 -9.50 5.78
CA TRP A 200 5.09 -9.15 7.14
C TRP A 200 3.92 -8.16 7.10
N SER A 201 4.11 -7.08 6.34
CA SER A 201 3.07 -6.06 6.17
C SER A 201 1.81 -6.62 5.54
N PHE A 202 1.97 -7.55 4.60
CA PHE A 202 0.82 -8.23 4.01
C PHE A 202 -0.03 -8.96 5.08
N GLY A 203 0.63 -9.57 6.06
CA GLY A 203 -0.09 -10.19 7.17
C GLY A 203 -0.92 -9.16 7.92
N VAL A 204 -0.37 -7.97 8.10
CA VAL A 204 -1.12 -6.86 8.74
C VAL A 204 -2.31 -6.43 7.87
N VAL A 205 -2.13 -6.37 6.55
CA VAL A 205 -3.25 -6.09 5.64
C VAL A 205 -4.34 -7.15 5.79
N LEU A 206 -3.94 -8.40 5.86
CA LEU A 206 -4.90 -9.51 6.05
C LEU A 206 -5.70 -9.31 7.34
N TYR A 207 -5.00 -8.92 8.41
CA TYR A 207 -5.62 -8.54 9.68
C TYR A 207 -6.62 -7.38 9.49
N GLU A 208 -6.21 -6.33 8.78
CA GLU A 208 -7.08 -5.19 8.54
C GLU A 208 -8.39 -5.63 7.90
N LEU A 209 -8.27 -6.37 6.81
CA LEU A 209 -9.43 -6.90 6.07
C LEU A 209 -10.41 -7.64 7.00
N PHE A 210 -9.89 -8.57 7.80
CA PHE A 210 -10.77 -9.38 8.64
C PHE A 210 -11.27 -8.72 9.93
N THR A 211 -10.76 -7.52 10.23
CA THR A 211 -11.34 -6.72 11.31
C THR A 211 -12.37 -5.74 10.76
N TYR A 212 -12.51 -5.71 9.43
CA TYR A 212 -13.41 -4.78 8.75
C TYR A 212 -13.16 -3.30 9.11
N ILE A 213 -11.89 -3.00 9.43
CA ILE A 213 -11.43 -1.66 9.80
C ILE A 213 -12.19 -1.09 11.01
N GLU A 214 -12.54 -1.96 11.96
CA GLU A 214 -13.11 -1.51 13.23
C GLU A 214 -12.04 -0.71 13.94
N LYS A 215 -12.36 0.56 14.22
CA LYS A 215 -11.38 1.56 14.71
C LYS A 215 -10.62 1.13 15.97
N SER A 216 -11.35 0.56 16.93
CA SER A 216 -10.74 0.09 18.18
C SER A 216 -9.82 -1.11 17.95
N LYS A 217 -9.91 -1.69 16.76
CA LYS A 217 -9.15 -2.91 16.46
C LYS A 217 -8.00 -2.67 15.48
N SER A 218 -7.79 -1.41 15.08
CA SER A 218 -6.76 -1.06 14.12
C SER A 218 -5.39 -1.47 14.66
N PRO A 219 -4.43 -1.78 13.77
CA PRO A 219 -3.10 -2.11 14.28
C PRO A 219 -2.48 -1.05 15.23
N PRO A 220 -2.58 0.27 14.91
CA PRO A 220 -2.10 1.22 15.90
C PRO A 220 -2.83 1.12 17.25
N ALA A 221 -4.16 0.99 17.24
CA ALA A 221 -4.91 0.90 18.50
C ALA A 221 -4.46 -0.32 19.30
N GLU A 222 -4.31 -1.45 18.62
CA GLU A 222 -4.02 -2.71 19.32
C GLU A 222 -2.59 -2.76 19.85
N PHE A 223 -1.63 -2.30 19.05
CA PHE A 223 -0.23 -2.30 19.49
C PHE A 223 -0.02 -1.29 20.63
N MET A 224 -0.69 -0.14 20.55
CA MET A 224 -0.61 0.85 21.63
C MET A 224 -1.18 0.27 22.93
N ARG A 225 -2.28 -0.47 22.83
CA ARG A 225 -2.82 -1.15 24.00
C ARG A 225 -1.81 -2.14 24.59
N MET A 226 -1.14 -2.89 23.71
CA MET A 226 -0.22 -3.92 24.18
C MET A 226 1.04 -3.37 24.81
N ILE A 227 1.54 -2.22 24.34
CA ILE A 227 2.75 -1.62 24.92
C ILE A 227 2.38 -0.65 26.07
N GLY A 228 1.11 -0.25 26.12
CA GLY A 228 0.62 0.75 27.07
C GLY A 228 0.36 2.09 26.36
N ASN A 229 -0.84 2.62 26.52
CA ASN A 229 -1.18 3.92 25.91
C ASN A 229 -0.38 5.11 26.47
N ASP A 230 0.33 4.88 27.59
CA ASP A 230 1.22 5.89 28.17
C ASP A 230 2.51 6.10 27.37
N LYS A 231 2.84 5.17 26.46
CA LYS A 231 4.11 5.30 25.72
C LYS A 231 4.01 6.38 24.63
N GLN A 232 5.07 7.20 24.52
CA GLN A 232 5.05 8.33 23.59
C GLN A 232 6.33 8.48 22.75
N GLY A 233 6.19 9.07 21.58
CA GLY A 233 7.32 9.28 20.65
C GLY A 233 8.22 8.06 20.51
N GLN A 234 9.53 8.27 20.62
CA GLN A 234 10.52 7.20 20.41
C GLN A 234 10.35 5.98 21.33
N MET A 235 9.74 6.16 22.50
CA MET A 235 9.46 5.02 23.40
C MET A 235 8.46 4.00 22.83
N ILE A 236 7.52 4.48 22.01
CA ILE A 236 6.63 3.59 21.27
C ILE A 236 7.44 2.57 20.46
N VAL A 237 8.41 3.05 19.68
CA VAL A 237 9.25 2.17 18.85
C VAL A 237 10.06 1.21 19.73
N PHE A 238 10.65 1.71 20.81
CA PHE A 238 11.43 0.87 21.72
C PHE A 238 10.58 -0.28 22.27
N HIS A 239 9.39 0.03 22.77
CA HIS A 239 8.53 -0.97 23.36
C HIS A 239 7.89 -1.89 22.33
N LEU A 240 7.61 -1.35 21.14
CA LEU A 240 7.12 -2.20 20.04
C LEU A 240 8.14 -3.28 19.66
N ILE A 241 9.40 -2.87 19.53
CA ILE A 241 10.50 -3.79 19.20
C ILE A 241 10.54 -4.91 20.26
N GLU A 242 10.47 -4.54 21.54
CA GLU A 242 10.51 -5.52 22.65
C GLU A 242 9.29 -6.43 22.64
N LEU A 243 8.12 -5.86 22.39
CA LEU A 243 6.89 -6.63 22.25
C LEU A 243 6.99 -7.72 21.20
N LEU A 244 7.40 -7.32 19.99
CA LEU A 244 7.50 -8.23 18.84
C LEU A 244 8.55 -9.33 19.06
N LYS A 245 9.67 -8.97 19.70
CA LYS A 245 10.73 -9.92 20.06
C LYS A 245 10.21 -11.02 20.98
N ASN A 246 9.25 -10.67 21.83
CA ASN A 246 8.63 -11.60 22.77
C ASN A 246 7.35 -12.25 22.28
N ASN A 247 7.18 -12.24 20.96
CA ASN A 247 6.02 -12.77 20.24
C ASN A 247 4.68 -12.15 20.55
N GLY A 248 4.70 -10.90 21.01
CA GLY A 248 3.48 -10.11 21.10
C GLY A 248 3.01 -9.87 19.67
N ARG A 249 1.72 -10.06 19.43
CA ARG A 249 1.18 -9.97 18.07
C ARG A 249 -0.23 -9.42 18.14
N LEU A 250 -0.71 -8.89 17.02
CA LEU A 250 -2.15 -8.62 16.87
C LEU A 250 -2.97 -9.89 17.15
N PRO A 251 -4.15 -9.73 17.79
CA PRO A 251 -4.98 -10.89 18.08
C PRO A 251 -5.75 -11.40 16.86
N ARG A 252 -6.28 -12.62 16.94
CA ARG A 252 -7.13 -13.10 15.87
C ARG A 252 -8.38 -12.22 15.78
N PRO A 253 -8.67 -11.66 14.59
CA PRO A 253 -9.92 -10.92 14.43
C PRO A 253 -11.13 -11.80 14.75
N ASP A 254 -12.12 -11.24 15.43
CA ASP A 254 -13.37 -11.96 15.75
C ASP A 254 -13.99 -12.54 14.48
N GLY A 255 -14.28 -13.83 14.49
CA GLY A 255 -14.93 -14.49 13.36
C GLY A 255 -14.02 -14.89 12.22
N CYS A 256 -12.71 -14.67 12.38
CA CYS A 256 -11.73 -15.02 11.35
C CYS A 256 -11.58 -16.54 11.25
N PRO A 257 -11.68 -17.08 10.02
CA PRO A 257 -11.43 -18.51 9.76
C PRO A 257 -10.00 -18.87 10.16
N ASP A 258 -9.81 -20.05 10.74
CA ASP A 258 -8.50 -20.45 11.27
C ASP A 258 -7.41 -20.51 10.21
N GLU A 259 -7.76 -20.97 9.01
CA GLU A 259 -6.80 -21.05 7.90
C GLU A 259 -6.24 -19.69 7.49
N ILE A 260 -7.08 -18.65 7.61
CA ILE A 260 -6.68 -17.29 7.30
C ILE A 260 -5.83 -16.74 8.44
N TYR A 261 -6.27 -17.02 9.66
CA TYR A 261 -5.50 -16.62 10.83
C TYR A 261 -4.10 -17.22 10.77
N MET A 262 -4.02 -18.49 10.37
CA MET A 262 -2.74 -19.19 10.28
C MET A 262 -1.79 -18.49 9.32
N ILE A 263 -2.34 -17.99 8.22
CA ILE A 263 -1.53 -17.25 7.23
C ILE A 263 -0.96 -15.97 7.85
N MET A 264 -1.79 -15.21 8.57
CA MET A 264 -1.32 -13.98 9.25
C MET A 264 -0.14 -14.27 10.15
N THR A 265 -0.31 -15.30 10.99
CA THR A 265 0.69 -15.61 12.00
C THR A 265 2.01 -16.09 11.38
N GLU A 266 1.92 -16.79 10.24
CA GLU A 266 3.10 -17.20 9.47
C GLU A 266 3.84 -16.02 8.85
N CYS A 267 3.09 -15.03 8.36
CA CYS A 267 3.69 -13.77 7.84
C CYS A 267 4.45 -13.01 8.94
N TRP A 268 3.97 -13.13 10.19
CA TRP A 268 4.56 -12.41 11.30
C TRP A 268 5.63 -13.22 12.03
N ASN A 269 6.50 -13.87 11.26
CA ASN A 269 7.61 -14.61 11.83
C ASN A 269 8.79 -13.68 12.09
N ASN A 270 9.33 -13.72 13.30
CA ASN A 270 10.56 -12.99 13.61
C ASN A 270 11.71 -13.44 12.70
N ASN A 271 11.68 -14.72 12.30
CA ASN A 271 12.68 -15.28 11.40
C ASN A 271 12.34 -14.93 9.97
N VAL A 272 13.10 -13.99 9.40
CA VAL A 272 12.85 -13.43 8.06
C VAL A 272 12.71 -14.52 6.98
N ASN A 273 13.64 -15.48 6.97
CA ASN A 273 13.68 -16.52 5.94
C ASN A 273 12.54 -17.52 6.05
N GLN A 274 11.87 -17.54 7.19
CA GLN A 274 10.76 -18.47 7.42
C GLN A 274 9.40 -17.95 7.00
N ARG A 275 9.31 -16.66 6.66
CA ARG A 275 8.04 -16.09 6.20
C ARG A 275 7.69 -16.67 4.83
N PRO A 276 6.41 -16.91 4.54
CA PRO A 276 6.01 -17.44 3.23
C PRO A 276 6.34 -16.51 2.06
N SER A 277 6.38 -17.07 0.85
CA SER A 277 6.57 -16.27 -0.36
C SER A 277 5.20 -15.80 -0.87
N PHE A 278 5.18 -14.68 -1.61
CA PHE A 278 3.94 -14.22 -2.24
C PHE A 278 3.42 -15.20 -3.29
N ARG A 279 4.34 -15.91 -3.97
CA ARG A 279 3.93 -16.96 -4.91
C ARG A 279 3.13 -18.05 -4.16
N ASP A 280 3.65 -18.48 -3.02
CA ASP A 280 2.96 -19.51 -2.21
C ASP A 280 1.68 -19.01 -1.55
N LEU A 281 1.70 -17.78 -1.06
CA LEU A 281 0.49 -17.18 -0.49
C LEU A 281 -0.66 -17.08 -1.51
N ALA A 282 -0.35 -16.68 -2.74
CA ALA A 282 -1.39 -16.62 -3.78
C ALA A 282 -2.00 -18.00 -4.06
N LEU A 283 -1.16 -19.02 -4.14
CA LEU A 283 -1.63 -20.40 -4.31
C LEU A 283 -2.51 -20.83 -3.14
N ARG A 284 -2.03 -20.59 -1.92
CA ARG A 284 -2.77 -20.98 -0.71
C ARG A 284 -4.12 -20.28 -0.58
N VAL A 285 -4.14 -18.98 -0.86
CA VAL A 285 -5.38 -18.19 -0.79
C VAL A 285 -6.39 -18.67 -1.84
N ASP A 286 -5.91 -18.92 -3.06
CA ASP A 286 -6.77 -19.41 -4.13
C ASP A 286 -7.37 -20.79 -3.83
N GLN A 287 -6.57 -21.66 -3.20
CA GLN A 287 -7.05 -22.96 -2.73
C GLN A 287 -8.15 -22.81 -1.67
N ILE A 288 -7.94 -21.93 -0.70
CA ILE A 288 -8.96 -21.64 0.32
C ILE A 288 -10.27 -21.13 -0.31
N ARG A 289 -10.15 -20.24 -1.30
CA ARG A 289 -11.31 -19.75 -2.06
C ARG A 289 -12.03 -20.90 -2.77
N ASP A 290 -11.24 -21.78 -3.39
CA ASP A 290 -11.78 -22.95 -4.10
C ASP A 290 -12.54 -23.88 -3.15
N ASN A 291 -11.98 -24.11 -1.96
CA ASN A 291 -12.63 -24.94 -0.94
C ASN A 291 -13.93 -24.33 -0.44
N MET A 292 -13.96 -23.01 -0.31
CA MET A 292 -15.16 -22.29 0.11
C MET A 292 -16.23 -22.28 -0.98
N ALA A 293 -15.80 -22.17 -2.23
CA ALA A 293 -16.73 -22.13 -3.37
C ALA A 293 -17.12 -23.52 -3.85
C7 5B1 B . -6.83 7.00 -6.71
C6 5B1 B . -6.26 7.34 -5.48
C1 5B1 B . -8.14 6.81 -7.18
N1 5B1 B . -9.25 6.94 -6.43
C5 5B1 B . -4.86 7.41 -5.41
C4 5B1 B . -4.03 7.16 -6.52
BR1 5B1 B . -4.12 7.86 -3.74
C3 5B1 B . -4.59 6.82 -7.76
C2 5B1 B . -5.99 6.75 -7.80
N3 5B1 B . -6.85 6.43 -8.82
N2 5B1 B . -8.15 6.48 -8.46
#